data_6EQW
#
_entry.id   6EQW
#
_cell.length_a   131.713
_cell.length_b   131.713
_cell.length_c   155.393
_cell.angle_alpha   90.00
_cell.angle_beta   90.00
_cell.angle_gamma   120.00
#
_symmetry.space_group_name_H-M   'P 65 2 2'
#
loop_
_entity.id
_entity.type
_entity.pdbx_description
1 polymer Furin
2 polymer AMA-ARG-TBG-ARG-00S
3 non-polymer 'CALCIUM ION'
4 non-polymer 'SODIUM ION'
5 non-polymer 'CHLORIDE ION'
6 water water
#
loop_
_entity_poly.entity_id
_entity_poly.type
_entity_poly.pdbx_seq_one_letter_code
_entity_poly.pdbx_strand_id
1 'polypeptide(L)'
;DVYQEPTDPKFPQQWYLSGVTQRDLNVKAAWAQGYTGHGIVVSILDDGIEKNHPDLAGNYDPGASFDVNDQDPDPQPRYT
QMNDNRHGTRCAGEVAAVANNGVCGVGVAYNARIGGVRMLDGEVTDAVEARSLGLNPNHIHIYSASWGPEDDGKTVDGPA
RLAEEAFFRGVSQGRGGLGSIFVWASGNGGREHDSCNCDGYTNSIYTLSISSATQFGNVPWYSEACSSTLATTYSSGNQN
EKQIVTTDLRQKCTESHTGTSASAPLAAGIIALTLEANKNLTWRDMQHLVVQTSKPAHLNANDWATNGVGRKVSHSYGYG
LLDAGAMVALAQNWTTVAPQRKCIIDILTEPKDIGKRLEVRKTVTACLGEPNHITRLEHAQARLTLSYNRRGDLAIHLVS
PMGTRSTLLAARPHDYSADGFNDWAFMTTHSWDEDPSGEWVLEIENTSEANNYGTLTKFTLVLYGTASGSLVPRGSHHHH
HH
;
A
2 'polypeptide(L)' (BVK)R(TBG)R(00S) D
#
# COMPACT_ATOMS: atom_id res chain seq x y z
N VAL A 2 -14.24 -31.10 -0.09
CA VAL A 2 -13.45 -31.62 1.01
C VAL A 2 -13.12 -30.51 2.01
N TYR A 3 -12.80 -29.32 1.49
CA TYR A 3 -12.47 -28.21 2.37
C TYR A 3 -13.66 -27.83 3.23
N GLN A 4 -13.45 -27.77 4.53
CA GLN A 4 -14.47 -27.28 5.47
C GLN A 4 -14.07 -25.90 5.96
N GLU A 5 -14.94 -24.92 5.74
CA GLU A 5 -14.69 -23.56 6.16
C GLU A 5 -14.66 -23.46 7.69
N PRO A 6 -14.08 -22.39 8.23
CA PRO A 6 -13.98 -22.27 9.70
C PRO A 6 -15.34 -22.28 10.35
N THR A 7 -15.35 -22.75 11.60
CA THR A 7 -16.58 -22.82 12.40
C THR A 7 -16.60 -21.76 13.50
N ASP A 8 -15.64 -20.84 13.50
CA ASP A 8 -15.56 -19.84 14.56
C ASP A 8 -16.86 -19.05 14.64
N PRO A 9 -17.24 -18.60 15.85
CA PRO A 9 -18.58 -18.03 16.02
C PRO A 9 -18.84 -16.76 15.23
N LYS A 10 -17.81 -15.94 14.98
CA LYS A 10 -17.98 -14.72 14.22
C LYS A 10 -17.56 -14.85 12.76
N PHE A 11 -17.08 -16.03 12.34
CA PHE A 11 -16.76 -16.20 10.93
C PHE A 11 -17.94 -15.88 10.02
N PRO A 12 -19.20 -16.19 10.35
CA PRO A 12 -20.31 -15.78 9.47
C PRO A 12 -20.47 -14.28 9.33
N GLN A 13 -19.91 -13.49 10.23
CA GLN A 13 -19.95 -12.04 10.11
C GLN A 13 -18.80 -11.49 9.30
N GLN A 14 -17.89 -12.34 8.81
CA GLN A 14 -16.73 -11.89 8.06
C GLN A 14 -17.07 -11.90 6.57
N TRP A 15 -17.97 -10.97 6.23
CA TRP A 15 -18.54 -10.88 4.88
C TRP A 15 -17.48 -10.64 3.82
N TYR A 16 -16.35 -10.04 4.19
CA TYR A 16 -15.30 -9.69 3.25
C TYR A 16 -14.39 -10.86 2.92
N LEU A 17 -14.44 -11.94 3.72
CA LEU A 17 -13.64 -13.13 3.42
C LEU A 17 -14.35 -14.02 2.42
N SER A 18 -15.65 -14.24 2.61
CA SER A 18 -16.41 -15.05 1.68
C SER A 18 -17.88 -14.68 1.77
N GLY A 19 -18.55 -14.76 0.62
CA GLY A 19 -19.99 -14.60 0.54
C GLY A 19 -20.45 -15.12 -0.80
N VAL A 20 -21.76 -15.34 -0.89
CA VAL A 20 -22.37 -15.65 -2.18
C VAL A 20 -22.48 -14.39 -3.05
N THR A 21 -22.37 -13.20 -2.44
CA THR A 21 -22.65 -11.94 -3.13
C THR A 21 -21.58 -11.56 -4.16
N GLN A 22 -20.38 -12.14 -4.08
CA GLN A 22 -19.17 -11.77 -4.83
C GLN A 22 -18.58 -10.43 -4.37
N ARG A 23 -19.20 -9.76 -3.40
CA ARG A 23 -18.57 -8.62 -2.74
C ARG A 23 -17.65 -9.13 -1.62
N ASP A 24 -16.62 -9.88 -2.01
CA ASP A 24 -15.66 -10.36 -1.04
C ASP A 24 -14.27 -10.46 -1.68
N LEU A 25 -13.29 -10.79 -0.85
CA LEU A 25 -11.89 -10.88 -1.25
C LEU A 25 -11.53 -12.27 -1.77
N ASN A 26 -12.51 -13.16 -1.90
CA ASN A 26 -12.30 -14.47 -2.51
C ASN A 26 -11.23 -15.25 -1.78
N VAL A 27 -11.26 -15.20 -0.44
CA VAL A 27 -10.23 -15.84 0.36
C VAL A 27 -10.52 -17.31 0.55
N LYS A 28 -11.79 -17.70 0.66
CA LYS A 28 -12.11 -19.12 0.84
C LYS A 28 -11.60 -19.94 -0.34
N ALA A 29 -11.68 -19.38 -1.56
CA ALA A 29 -11.15 -20.07 -2.72
C ALA A 29 -9.66 -20.38 -2.57
N ALA A 30 -8.91 -19.49 -1.92
CA ALA A 30 -7.49 -19.78 -1.67
C ALA A 30 -7.34 -20.83 -0.57
N TRP A 31 -8.16 -20.74 0.47
CA TRP A 31 -8.15 -21.78 1.51
C TRP A 31 -8.42 -23.15 0.93
N ALA A 32 -9.38 -23.25 0.00
CA ALA A 32 -9.73 -24.54 -0.57
C ALA A 32 -8.63 -25.08 -1.49
N GLN A 33 -7.81 -24.19 -2.08
CA GLN A 33 -6.63 -24.66 -2.80
C GLN A 33 -5.52 -25.12 -1.87
N GLY A 34 -5.70 -25.02 -0.55
CA GLY A 34 -4.71 -25.48 0.40
C GLY A 34 -3.81 -24.42 1.00
N TYR A 35 -4.08 -23.14 0.79
CA TYR A 35 -3.20 -22.08 1.27
C TYR A 35 -3.90 -21.35 2.41
N THR A 36 -3.34 -21.48 3.60
CA THR A 36 -3.87 -20.82 4.79
C THR A 36 -2.80 -20.03 5.53
N GLY A 37 -1.59 -19.94 4.97
CA GLY A 37 -0.53 -19.17 5.58
C GLY A 37 0.55 -19.97 6.26
N HIS A 38 0.47 -21.30 6.26
N HIS A 38 0.46 -21.31 6.27
CA HIS A 38 1.44 -22.10 6.98
CA HIS A 38 1.46 -22.17 6.90
C HIS A 38 2.85 -21.77 6.51
C HIS A 38 2.87 -21.74 6.49
N GLY A 39 3.73 -21.50 7.48
CA GLY A 39 5.13 -21.23 7.21
C GLY A 39 5.45 -19.79 6.87
N ILE A 40 4.46 -18.91 6.78
CA ILE A 40 4.70 -17.52 6.46
C ILE A 40 4.63 -16.71 7.76
N VAL A 41 5.45 -15.67 7.84
CA VAL A 41 5.63 -14.87 9.05
C VAL A 41 5.28 -13.42 8.72
N VAL A 42 4.30 -12.87 9.43
CA VAL A 42 3.85 -11.49 9.25
C VAL A 42 4.08 -10.73 10.55
N SER A 43 4.58 -9.50 10.44
CA SER A 43 4.75 -8.65 11.61
C SER A 43 3.95 -7.36 11.46
N ILE A 44 3.22 -7.01 12.51
CA ILE A 44 2.40 -5.81 12.57
C ILE A 44 3.23 -4.72 13.24
N LEU A 45 3.59 -3.67 12.50
CA LEU A 45 4.32 -2.54 13.06
C LEU A 45 3.30 -1.54 13.59
N ASP A 46 3.16 -1.47 14.91
CA ASP A 46 2.06 -0.66 15.43
C ASP A 46 2.29 -0.33 16.90
N ASP A 47 1.22 -0.31 17.71
CA ASP A 47 1.34 0.05 19.12
C ASP A 47 1.43 -1.16 20.04
N GLY A 48 1.78 -2.33 19.49
CA GLY A 48 1.88 -3.55 20.27
C GLY A 48 0.91 -4.61 19.80
N ILE A 49 1.11 -5.82 20.34
CA ILE A 49 0.24 -6.96 20.03
C ILE A 49 -0.02 -7.73 21.32
N GLU A 50 -1.28 -8.02 21.60
CA GLU A 50 -1.63 -8.77 22.80
C GLU A 50 -1.33 -10.24 22.52
N LYS A 51 -0.11 -10.66 22.88
CA LYS A 51 0.40 -11.94 22.42
C LYS A 51 -0.28 -13.12 23.10
N ASN A 52 -0.97 -12.88 24.21
CA ASN A 52 -1.71 -13.91 24.93
C ASN A 52 -3.20 -13.91 24.57
N HIS A 53 -3.59 -13.14 23.56
CA HIS A 53 -4.99 -13.11 23.17
C HIS A 53 -5.47 -14.51 22.79
N PRO A 54 -6.65 -14.94 23.25
CA PRO A 54 -7.16 -16.27 22.90
C PRO A 54 -7.18 -16.58 21.41
N ASP A 55 -7.32 -15.58 20.54
CA ASP A 55 -7.33 -15.84 19.11
C ASP A 55 -6.02 -15.48 18.42
N LEU A 56 -4.99 -15.08 19.16
CA LEU A 56 -3.66 -14.87 18.58
C LEU A 56 -2.58 -15.80 19.13
N ALA A 57 -2.76 -16.32 20.36
CA ALA A 57 -1.67 -17.03 21.04
C ALA A 57 -1.17 -18.21 20.23
N GLY A 58 -2.07 -18.96 19.60
CA GLY A 58 -1.68 -20.14 18.85
C GLY A 58 -0.80 -19.83 17.65
N ASN A 59 -0.87 -18.60 17.13
CA ASN A 59 -0.09 -18.21 15.97
C ASN A 59 1.03 -17.24 16.31
N TYR A 60 1.12 -16.77 17.57
CA TYR A 60 2.06 -15.73 17.90
C TYR A 60 3.51 -16.20 17.72
N ASP A 61 4.35 -15.30 17.22
CA ASP A 61 5.75 -15.60 16.92
C ASP A 61 6.63 -14.57 17.59
N PRO A 62 7.32 -14.92 18.69
CA PRO A 62 8.24 -13.95 19.31
C PRO A 62 9.37 -13.53 18.39
N GLY A 63 9.75 -14.37 17.42
CA GLY A 63 10.77 -13.98 16.45
C GLY A 63 10.31 -12.92 15.47
N ALA A 64 9.01 -12.67 15.39
CA ALA A 64 8.45 -11.63 14.55
C ALA A 64 8.12 -10.38 15.34
N SER A 65 8.63 -10.26 16.57
CA SER A 65 8.15 -9.25 17.49
C SER A 65 9.31 -8.56 18.19
N PHE A 66 9.08 -7.30 18.55
CA PHE A 66 10.02 -6.54 19.36
C PHE A 66 9.27 -5.34 19.91
N ASP A 67 9.81 -4.76 20.97
CA ASP A 67 9.28 -3.53 21.55
C ASP A 67 10.36 -2.49 21.37
N VAL A 68 10.19 -1.63 20.36
CA VAL A 68 11.17 -0.58 20.08
C VAL A 68 10.93 0.62 20.99
N ASN A 69 9.69 0.86 21.41
CA ASN A 69 9.41 2.01 22.27
C ASN A 69 10.12 1.88 23.62
N ASP A 70 10.18 0.67 24.18
CA ASP A 70 10.82 0.42 25.46
C ASP A 70 12.12 -0.37 25.34
N GLN A 71 12.50 -0.79 24.13
CA GLN A 71 13.73 -1.53 23.90
C GLN A 71 13.75 -2.83 24.71
N ASP A 72 12.81 -3.72 24.42
CA ASP A 72 12.78 -5.05 25.00
C ASP A 72 12.08 -5.97 24.01
N PRO A 73 12.15 -7.29 24.23
CA PRO A 73 11.60 -8.23 23.23
C PRO A 73 10.09 -8.34 23.24
N ASP A 74 9.41 -7.83 24.28
CA ASP A 74 8.01 -8.16 24.54
C ASP A 74 7.11 -7.05 24.03
N PRO A 75 6.34 -7.28 22.96
CA PRO A 75 5.53 -6.21 22.37
C PRO A 75 4.17 -6.00 23.01
N GLN A 76 3.95 -6.53 24.21
CA GLN A 76 2.65 -6.42 24.87
C GLN A 76 2.22 -4.95 24.89
N PRO A 77 0.96 -4.66 24.56
CA PRO A 77 0.50 -3.26 24.62
C PRO A 77 0.51 -2.72 26.04
N ARG A 78 0.64 -1.41 26.15
CA ARG A 78 0.51 -0.71 27.42
C ARG A 78 -0.97 -0.49 27.70
N TYR A 79 -1.48 -1.06 28.79
CA TYR A 79 -2.91 -0.96 29.08
C TYR A 79 -3.24 0.37 29.71
N THR A 80 -4.26 1.04 29.18
CA THR A 80 -4.73 2.31 29.68
C THR A 80 -6.25 2.26 29.74
N GLN A 81 -6.84 3.23 30.44
CA GLN A 81 -8.29 3.28 30.55
C GLN A 81 -8.95 3.55 29.22
N MET A 82 -8.33 4.40 28.40
CA MET A 82 -8.89 4.74 27.10
C MET A 82 -8.67 3.64 26.06
N ASN A 83 -7.94 2.58 26.40
CA ASN A 83 -7.63 1.49 25.47
C ASN A 83 -6.94 2.01 24.21
N ASP A 84 -6.08 3.03 24.38
CA ASP A 84 -5.39 3.66 23.26
C ASP A 84 -4.58 2.68 22.43
N ASN A 85 -4.03 1.65 23.06
CA ASN A 85 -3.07 0.76 22.42
C ASN A 85 -3.71 -0.53 21.93
N ARG A 86 -4.93 -0.44 21.43
CA ARG A 86 -5.68 -1.58 20.91
C ARG A 86 -5.45 -1.79 19.42
N HIS A 87 -4.79 -0.83 18.77
CA HIS A 87 -4.80 -0.73 17.32
C HIS A 87 -4.03 -1.87 16.67
N GLY A 88 -2.83 -2.17 17.20
CA GLY A 88 -2.03 -3.24 16.63
C GLY A 88 -2.64 -4.62 16.83
N THR A 89 -3.34 -4.82 17.95
CA THR A 89 -3.98 -6.12 18.19
C THR A 89 -5.12 -6.36 17.22
N ARG A 90 -5.90 -5.33 16.93
CA ARG A 90 -6.94 -5.42 15.91
C ARG A 90 -6.35 -5.74 14.54
N CYS A 91 -5.24 -5.09 14.16
CA CYS A 91 -4.62 -5.40 12.87
C CYS A 91 -4.11 -6.83 12.82
N ALA A 92 -3.53 -7.31 13.92
CA ALA A 92 -2.96 -8.67 13.95
C ALA A 92 -4.03 -9.73 13.71
N GLY A 93 -5.19 -9.58 14.34
CA GLY A 93 -6.25 -10.57 14.17
C GLY A 93 -6.77 -10.65 12.75
N GLU A 94 -6.72 -9.54 12.01
CA GLU A 94 -7.14 -9.57 10.62
C GLU A 94 -6.24 -10.48 9.81
N VAL A 95 -4.95 -10.46 10.12
CA VAL A 95 -3.98 -11.27 9.39
C VAL A 95 -4.10 -12.73 9.79
N ALA A 96 -4.08 -13.01 11.11
CA ALA A 96 -3.75 -14.35 11.53
C ALA A 96 -4.49 -14.81 12.78
N ALA A 97 -5.72 -14.33 13.00
CA ALA A 97 -6.51 -14.91 14.09
C ALA A 97 -6.70 -16.41 13.86
N VAL A 98 -6.60 -17.19 14.94
CA VAL A 98 -6.67 -18.64 14.86
C VAL A 98 -8.05 -19.07 14.38
N ALA A 99 -8.10 -20.13 13.58
CA ALA A 99 -9.35 -20.65 13.05
C ALA A 99 -9.77 -21.89 13.84
N ASN A 100 -11.09 -22.14 13.84
CA ASN A 100 -11.66 -23.40 14.34
C ASN A 100 -11.36 -23.62 15.83
N ASN A 101 -11.44 -22.55 16.62
CA ASN A 101 -11.13 -22.63 18.04
C ASN A 101 -12.23 -22.01 18.91
N GLY A 102 -13.44 -21.83 18.36
CA GLY A 102 -14.55 -21.32 19.14
C GLY A 102 -14.40 -19.90 19.62
N VAL A 103 -13.45 -19.13 19.08
CA VAL A 103 -13.19 -17.76 19.54
C VAL A 103 -13.25 -16.82 18.34
N CYS A 104 -14.08 -15.78 18.45
CA CYS A 104 -14.12 -14.63 17.52
C CYS A 104 -14.22 -15.13 16.09
N GLY A 105 -13.45 -14.59 15.14
CA GLY A 105 -13.48 -15.04 13.76
C GLY A 105 -12.17 -15.68 13.37
N VAL A 106 -11.71 -15.45 12.14
CA VAL A 106 -10.45 -16.03 11.67
C VAL A 106 -9.66 -14.97 10.89
N GLY A 107 -8.33 -15.11 10.94
CA GLY A 107 -7.50 -14.29 10.08
C GLY A 107 -7.56 -14.76 8.63
N VAL A 108 -7.22 -13.86 7.72
CA VAL A 108 -7.06 -14.23 6.31
C VAL A 108 -6.09 -15.41 6.20
N ALA A 109 -4.97 -15.33 6.89
CA ALA A 109 -3.95 -16.36 6.84
C ALA A 109 -3.90 -17.00 8.23
N TYR A 110 -4.93 -17.77 8.54
CA TYR A 110 -5.16 -18.19 9.92
C TYR A 110 -4.18 -19.26 10.40
N ASN A 111 -3.28 -19.73 9.55
CA ASN A 111 -2.20 -20.62 9.97
C ASN A 111 -0.83 -19.97 9.80
N ALA A 112 -0.79 -18.69 9.48
CA ALA A 112 0.48 -17.97 9.45
C ALA A 112 0.94 -17.69 10.88
N ARG A 113 2.23 -17.37 11.00
N ARG A 113 2.23 -17.37 11.00
CA ARG A 113 2.78 -16.89 12.26
CA ARG A 113 2.78 -16.89 12.25
C ARG A 113 2.72 -15.37 12.28
C ARG A 113 2.70 -15.37 12.27
N ILE A 114 2.31 -14.82 13.42
CA ILE A 114 2.03 -13.39 13.54
C ILE A 114 2.83 -12.82 14.71
N GLY A 115 3.47 -11.68 14.47
CA GLY A 115 4.14 -10.94 15.51
C GLY A 115 3.78 -9.46 15.43
N GLY A 116 4.31 -8.71 16.37
CA GLY A 116 4.09 -7.28 16.40
C GLY A 116 5.32 -6.55 16.86
N VAL A 117 5.51 -5.36 16.30
CA VAL A 117 6.55 -4.45 16.77
C VAL A 117 5.84 -3.31 17.47
N ARG A 118 6.11 -3.16 18.75
CA ARG A 118 5.59 -2.02 19.51
C ARG A 118 6.49 -0.83 19.20
N MET A 119 6.00 0.06 18.33
CA MET A 119 6.79 1.23 17.96
C MET A 119 6.00 2.53 17.84
N LEU A 120 4.66 2.51 17.85
CA LEU A 120 3.90 3.76 17.81
C LEU A 120 3.66 4.38 19.18
N ASP A 121 3.87 3.65 20.27
CA ASP A 121 3.46 4.15 21.59
C ASP A 121 4.65 4.87 22.25
N GLY A 122 4.90 6.07 21.73
CA GLY A 122 6.10 6.82 22.06
C GLY A 122 6.39 7.78 20.93
N GLU A 123 7.52 8.46 21.05
CA GLU A 123 7.98 9.33 19.97
C GLU A 123 8.46 8.48 18.81
N VAL A 124 7.86 8.67 17.64
CA VAL A 124 8.18 7.82 16.49
C VAL A 124 9.25 8.55 15.68
N THR A 125 10.50 8.28 16.01
CA THR A 125 11.62 8.88 15.32
C THR A 125 11.96 8.10 14.06
N ASP A 126 12.83 8.69 13.25
CA ASP A 126 13.42 7.99 12.11
C ASP A 126 14.08 6.67 12.54
N ALA A 127 14.87 6.71 13.62
CA ALA A 127 15.53 5.49 14.10
C ALA A 127 14.53 4.44 14.56
N VAL A 128 13.43 4.87 15.21
CA VAL A 128 12.39 3.92 15.62
C VAL A 128 11.80 3.23 14.41
N GLU A 129 11.46 4.01 13.37
CA GLU A 129 10.90 3.40 12.16
C GLU A 129 11.91 2.44 11.54
N ALA A 130 13.17 2.83 11.49
CA ALA A 130 14.18 2.01 10.82
C ALA A 130 14.40 0.70 11.55
N ARG A 131 14.46 0.73 12.87
CA ARG A 131 14.64 -0.51 13.62
C ARG A 131 13.42 -1.41 13.47
N SER A 132 12.23 -0.84 13.28
CA SER A 132 11.03 -1.66 13.12
C SER A 132 10.96 -2.28 11.73
N LEU A 133 11.16 -1.46 10.69
CA LEU A 133 11.17 -1.94 9.31
C LEU A 133 12.29 -2.94 9.07
N GLY A 134 13.42 -2.78 9.75
CA GLY A 134 14.53 -3.70 9.56
C GLY A 134 14.61 -4.82 10.59
N LEU A 135 13.51 -5.09 11.29
CA LEU A 135 13.52 -6.14 12.31
C LEU A 135 13.58 -7.54 11.68
N ASN A 136 14.55 -8.35 12.12
CA ASN A 136 14.67 -9.76 11.77
C ASN A 136 14.31 -10.02 10.31
N PRO A 137 14.95 -9.35 9.35
CA PRO A 137 14.46 -9.40 7.96
C PRO A 137 14.71 -10.73 7.26
N ASN A 138 15.40 -11.68 7.90
CA ASN A 138 15.49 -13.02 7.34
C ASN A 138 14.58 -14.01 8.05
N HIS A 139 13.75 -13.53 8.97
CA HIS A 139 12.69 -14.32 9.57
C HIS A 139 11.32 -13.82 9.17
N ILE A 140 11.08 -12.51 9.30
CA ILE A 140 9.80 -11.92 8.91
C ILE A 140 9.73 -11.83 7.39
N HIS A 141 8.62 -12.28 6.81
CA HIS A 141 8.39 -12.19 5.38
C HIS A 141 7.68 -10.90 4.98
N ILE A 142 6.67 -10.51 5.73
CA ILE A 142 5.74 -9.44 5.39
C ILE A 142 5.60 -8.50 6.57
N TYR A 143 5.76 -7.21 6.33
CA TYR A 143 5.55 -6.17 7.33
C TYR A 143 4.30 -5.39 6.99
N SER A 144 3.47 -5.13 7.98
CA SER A 144 2.20 -4.44 7.77
C SER A 144 2.18 -3.18 8.64
N ALA A 145 1.91 -2.05 8.02
CA ALA A 145 1.98 -0.76 8.70
C ALA A 145 0.68 0.00 8.45
N SER A 146 -0.14 0.11 9.49
CA SER A 146 -1.36 0.91 9.43
C SER A 146 -1.19 2.22 10.18
N TRP A 147 -0.21 2.99 9.72
CA TRP A 147 0.14 4.27 10.34
C TRP A 147 0.92 5.09 9.32
N GLY A 148 1.10 6.36 9.62
CA GLY A 148 1.91 7.20 8.76
C GLY A 148 1.85 8.65 9.20
N PRO A 149 2.27 9.56 8.32
CA PRO A 149 2.23 10.98 8.65
C PRO A 149 0.79 11.45 8.83
N GLU A 150 0.67 12.56 9.55
CA GLU A 150 -0.64 13.13 9.88
C GLU A 150 -1.47 13.34 8.62
N ASP A 151 -2.75 12.99 8.71
CA ASP A 151 -3.69 13.16 7.60
C ASP A 151 -4.41 14.50 7.68
N ASP A 152 -3.71 15.59 7.96
CA ASP A 152 -4.40 16.87 8.05
C ASP A 152 -4.62 17.51 6.69
N GLY A 153 -4.12 16.92 5.61
CA GLY A 153 -4.28 17.51 4.30
C GLY A 153 -3.35 18.65 4.01
N LYS A 154 -2.35 18.87 4.87
CA LYS A 154 -1.35 19.91 4.69
C LYS A 154 0.07 19.36 4.67
N THR A 155 0.30 18.22 5.30
CA THR A 155 1.63 17.67 5.48
C THR A 155 2.16 17.04 4.20
N VAL A 156 3.44 17.26 3.93
CA VAL A 156 4.21 16.48 2.96
C VAL A 156 5.34 15.86 3.75
N ASP A 157 5.34 14.54 3.89
CA ASP A 157 6.31 13.91 4.77
C ASP A 157 6.51 12.47 4.31
N GLY A 158 7.72 11.99 4.49
CA GLY A 158 8.08 10.65 4.11
C GLY A 158 9.17 10.11 5.01
N PRO A 159 9.65 8.90 4.72
CA PRO A 159 10.73 8.33 5.54
C PRO A 159 11.97 9.19 5.46
N ALA A 160 12.62 9.40 6.61
CA ALA A 160 13.91 10.06 6.64
C ALA A 160 14.99 9.02 6.32
N ARG A 161 16.26 9.36 6.57
CA ARG A 161 17.36 8.59 5.99
C ARG A 161 17.41 7.16 6.50
N LEU A 162 17.32 6.95 7.81
CA LEU A 162 17.40 5.59 8.34
C LEU A 162 16.24 4.73 7.84
N ALA A 163 15.03 5.29 7.83
CA ALA A 163 13.88 4.53 7.37
C ALA A 163 14.00 4.19 5.89
N GLU A 164 14.44 5.14 5.08
CA GLU A 164 14.61 4.87 3.66
C GLU A 164 15.68 3.82 3.44
N GLU A 165 16.76 3.88 4.22
CA GLU A 165 17.78 2.84 4.17
C GLU A 165 17.20 1.48 4.55
N ALA A 166 16.29 1.45 5.53
CA ALA A 166 15.64 0.19 5.91
C ALA A 166 14.81 -0.38 4.77
N PHE A 167 14.06 0.46 4.06
CA PHE A 167 13.31 -0.01 2.91
C PHE A 167 14.25 -0.63 1.87
N PHE A 168 15.33 0.07 1.55
CA PHE A 168 16.23 -0.43 0.50
C PHE A 168 16.95 -1.70 0.95
N ARG A 169 17.43 -1.74 2.20
CA ARG A 169 18.05 -2.96 2.71
C ARG A 169 17.04 -4.11 2.72
N GLY A 170 15.78 -3.80 3.06
CA GLY A 170 14.77 -4.84 3.14
C GLY A 170 14.45 -5.45 1.79
N VAL A 171 14.24 -4.61 0.77
CA VAL A 171 13.89 -5.21 -0.52
C VAL A 171 15.11 -5.82 -1.21
N SER A 172 16.32 -5.39 -0.85
CA SER A 172 17.53 -5.89 -1.48
C SER A 172 18.04 -7.18 -0.82
N GLN A 173 18.16 -7.18 0.50
CA GLN A 173 18.75 -8.32 1.19
C GLN A 173 17.76 -9.10 2.05
N GLY A 174 16.58 -8.54 2.35
CA GLY A 174 15.62 -9.26 3.15
C GLY A 174 15.11 -10.52 2.47
N ARG A 175 14.61 -11.44 3.30
CA ARG A 175 13.98 -12.66 2.81
C ARG A 175 14.92 -13.42 1.86
N GLY A 176 16.17 -13.57 2.28
CA GLY A 176 17.13 -14.29 1.48
C GLY A 176 17.47 -13.64 0.17
N GLY A 177 17.34 -12.32 0.07
CA GLY A 177 17.58 -11.60 -1.17
C GLY A 177 16.35 -11.42 -2.03
N LEU A 178 15.24 -12.07 -1.70
CA LEU A 178 14.02 -11.89 -2.47
C LEU A 178 13.34 -10.56 -2.17
N GLY A 179 13.58 -10.00 -0.98
CA GLY A 179 13.02 -8.71 -0.63
C GLY A 179 11.87 -8.75 0.36
N SER A 180 12.00 -8.01 1.45
CA SER A 180 10.89 -7.85 2.40
C SER A 180 9.67 -7.32 1.66
N ILE A 181 8.49 -7.77 2.07
CA ILE A 181 7.23 -7.25 1.57
C ILE A 181 6.70 -6.23 2.57
N PHE A 182 6.60 -4.97 2.15
CA PHE A 182 6.07 -3.90 2.99
C PHE A 182 4.68 -3.53 2.51
N VAL A 183 3.67 -3.72 3.35
CA VAL A 183 2.28 -3.41 3.05
C VAL A 183 1.89 -2.18 3.85
N TRP A 184 1.32 -1.17 3.18
CA TRP A 184 1.03 0.11 3.82
C TRP A 184 -0.44 0.50 3.64
N ALA A 185 -1.01 1.08 4.68
CA ALA A 185 -2.36 1.63 4.58
C ALA A 185 -2.27 3.01 3.95
N SER A 186 -3.11 3.27 2.93
CA SER A 186 -2.93 4.48 2.14
C SER A 186 -3.35 5.75 2.89
N GLY A 187 -4.13 5.65 3.96
CA GLY A 187 -4.38 6.83 4.76
C GLY A 187 -5.84 7.11 5.09
N ASN A 188 -6.07 7.93 6.12
CA ASN A 188 -7.43 8.24 6.57
C ASN A 188 -7.81 9.69 6.32
N GLY A 189 -7.13 10.39 5.42
CA GLY A 189 -7.33 11.82 5.28
C GLY A 189 -8.40 12.26 4.29
N GLY A 190 -9.36 11.38 4.00
CA GLY A 190 -10.38 11.70 3.01
C GLY A 190 -11.16 12.97 3.33
N ARG A 191 -11.58 13.13 4.59
CA ARG A 191 -12.36 14.30 4.98
C ARG A 191 -11.58 15.59 4.80
N GLU A 192 -10.26 15.54 4.96
CA GLU A 192 -9.37 16.68 4.75
C GLU A 192 -8.94 16.86 3.30
N HIS A 193 -9.49 16.06 2.37
CA HIS A 193 -9.07 16.08 0.98
C HIS A 193 -7.57 15.85 0.86
N ASP A 194 -7.04 14.94 1.68
CA ASP A 194 -5.62 14.60 1.62
C ASP A 194 -5.33 13.78 0.37
N SER A 195 -4.04 13.79 -0.02
CA SER A 195 -3.54 12.99 -1.13
C SER A 195 -2.46 12.06 -0.61
N CYS A 196 -2.61 10.76 -0.88
CA CYS A 196 -1.57 9.85 -0.41
C CYS A 196 -0.29 9.93 -1.24
N ASN A 197 -0.22 10.79 -2.26
CA ASN A 197 1.08 11.04 -2.87
C ASN A 197 1.90 12.05 -2.08
N CYS A 198 1.30 12.71 -1.09
CA CYS A 198 2.04 13.57 -0.17
C CYS A 198 2.56 12.80 1.05
N ASP A 199 2.54 11.49 0.97
CA ASP A 199 2.93 10.56 2.04
C ASP A 199 4.00 9.67 1.43
N GLY A 200 5.25 9.82 1.90
CA GLY A 200 6.33 9.10 1.26
C GLY A 200 6.38 7.63 1.56
N TYR A 201 5.66 7.18 2.60
CA TYR A 201 5.56 5.76 2.89
C TYR A 201 4.68 5.06 1.86
N THR A 202 3.48 5.59 1.62
CA THR A 202 2.59 5.01 0.63
C THR A 202 3.11 5.24 -0.78
N ASN A 203 3.65 6.43 -1.04
CA ASN A 203 4.21 6.84 -2.32
C ASN A 203 5.47 6.07 -2.71
N SER A 204 6.06 5.31 -1.79
CA SER A 204 7.29 4.58 -2.05
C SER A 204 7.03 3.41 -3.00
N ILE A 205 8.02 3.13 -3.85
CA ILE A 205 7.88 1.96 -4.72
C ILE A 205 8.07 0.67 -3.94
N TYR A 206 8.69 0.73 -2.76
CA TYR A 206 8.97 -0.45 -1.97
C TYR A 206 7.81 -0.90 -1.09
N THR A 207 6.72 -0.13 -1.04
CA THR A 207 5.54 -0.51 -0.28
C THR A 207 4.39 -0.77 -1.23
N LEU A 208 3.54 -1.73 -0.87
CA LEU A 208 2.26 -1.92 -1.56
C LEU A 208 1.23 -1.09 -0.81
N SER A 209 0.85 0.05 -1.38
CA SER A 209 -0.11 0.91 -0.72
C SER A 209 -1.52 0.44 -1.04
N ILE A 210 -2.33 0.27 0.00
CA ILE A 210 -3.62 -0.40 -0.11
C ILE A 210 -4.72 0.55 0.33
N SER A 211 -5.74 0.72 -0.51
CA SER A 211 -6.88 1.57 -0.18
C SER A 211 -8.09 0.71 0.24
N SER A 212 -9.24 1.37 0.45
CA SER A 212 -10.40 0.74 1.07
C SER A 212 -11.64 0.90 0.23
N ALA A 213 -12.54 -0.07 0.32
CA ALA A 213 -13.88 0.04 -0.25
C ALA A 213 -14.91 -0.33 0.80
N THR A 214 -16.06 0.34 0.77
CA THR A 214 -17.14 -0.02 1.67
C THR A 214 -17.82 -1.31 1.18
N GLN A 215 -18.62 -1.91 2.08
CA GLN A 215 -19.35 -3.12 1.74
C GLN A 215 -20.17 -2.96 0.47
N PHE A 216 -20.82 -1.81 0.30
CA PHE A 216 -21.65 -1.62 -0.89
C PHE A 216 -20.83 -1.19 -2.11
N GLY A 217 -19.50 -1.26 -2.02
CA GLY A 217 -18.64 -0.95 -3.15
C GLY A 217 -18.37 0.52 -3.40
N ASN A 218 -18.36 1.35 -2.36
CA ASN A 218 -18.15 2.78 -2.57
C ASN A 218 -16.83 3.23 -1.95
N VAL A 219 -16.44 4.45 -2.32
CA VAL A 219 -15.24 5.09 -1.81
C VAL A 219 -15.56 5.63 -0.41
N PRO A 220 -14.94 5.10 0.64
CA PRO A 220 -15.31 5.52 2.00
C PRO A 220 -14.97 6.98 2.25
N TRP A 221 -15.63 7.54 3.27
CA TRP A 221 -15.42 8.95 3.61
C TRP A 221 -13.95 9.26 3.91
N TYR A 222 -13.22 8.31 4.52
CA TYR A 222 -11.83 8.55 4.93
C TYR A 222 -10.82 8.31 3.82
N SER A 223 -11.25 7.80 2.67
CA SER A 223 -10.33 7.35 1.63
C SER A 223 -9.54 8.51 1.04
N GLU A 224 -8.25 8.29 0.79
CA GLU A 224 -7.40 9.25 0.08
C GLU A 224 -7.13 8.74 -1.32
N ALA A 225 -7.33 9.61 -2.31
CA ALA A 225 -7.04 9.27 -3.69
C ALA A 225 -5.61 9.66 -4.04
N CYS A 226 -4.91 8.80 -4.79
CA CYS A 226 -3.61 9.15 -5.35
C CYS A 226 -3.20 8.09 -6.38
N SER A 227 -2.20 8.42 -7.17
CA SER A 227 -1.70 7.54 -8.22
C SER A 227 -0.77 6.45 -7.69
N SER A 228 -0.29 6.55 -6.45
CA SER A 228 0.64 5.54 -5.94
C SER A 228 -0.06 4.32 -5.35
N THR A 229 -1.37 4.39 -5.11
CA THR A 229 -2.09 3.24 -4.58
C THR A 229 -2.08 2.10 -5.60
N LEU A 230 -1.88 0.87 -5.10
CA LEU A 230 -1.79 -0.30 -5.96
C LEU A 230 -3.10 -1.09 -6.03
N ALA A 231 -3.78 -1.29 -4.91
CA ALA A 231 -4.98 -2.13 -4.90
C ALA A 231 -5.78 -1.80 -3.64
N THR A 232 -6.84 -2.58 -3.43
CA THR A 232 -7.89 -2.25 -2.46
C THR A 232 -8.34 -3.50 -1.73
N THR A 233 -8.67 -3.35 -0.45
CA THR A 233 -9.43 -4.37 0.25
C THR A 233 -10.63 -3.69 0.93
N TYR A 234 -11.62 -4.51 1.29
CA TYR A 234 -12.79 -3.98 1.98
C TYR A 234 -12.41 -3.43 3.35
N SER A 235 -13.13 -2.39 3.77
CA SER A 235 -13.10 -1.94 5.15
C SER A 235 -14.46 -1.35 5.51
N SER A 236 -14.49 -0.41 6.46
CA SER A 236 -15.76 0.10 6.95
C SER A 236 -16.30 1.20 6.03
N GLY A 237 -17.56 1.54 6.24
CA GLY A 237 -18.20 2.61 5.52
C GLY A 237 -19.22 3.31 6.40
N ASN A 238 -20.47 3.43 5.95
CA ASN A 238 -21.50 4.07 6.76
C ASN A 238 -22.05 3.07 7.78
N GLN A 239 -23.03 3.51 8.57
CA GLN A 239 -23.48 2.65 9.66
C GLN A 239 -24.48 1.61 9.22
N ASN A 240 -24.91 1.61 7.96
CA ASN A 240 -25.66 0.47 7.44
C ASN A 240 -24.75 -0.59 6.85
N GLU A 241 -23.47 -0.28 6.64
CA GLU A 241 -22.53 -1.24 6.07
C GLU A 241 -21.77 -1.96 7.18
N LYS A 242 -21.50 -3.25 6.97
CA LYS A 242 -20.80 -4.05 7.96
C LYS A 242 -19.34 -3.60 8.08
N GLN A 243 -18.70 -4.05 9.15
CA GLN A 243 -17.33 -3.61 9.42
C GLN A 243 -16.43 -4.83 9.59
N ILE A 244 -15.24 -4.64 10.13
CA ILE A 244 -14.23 -5.69 10.16
C ILE A 244 -14.23 -6.37 11.52
N VAL A 245 -14.14 -7.71 11.51
CA VAL A 245 -14.23 -8.52 12.71
C VAL A 245 -12.83 -8.97 13.08
N THR A 246 -12.39 -8.67 14.29
CA THR A 246 -11.02 -8.98 14.64
C THR A 246 -10.86 -9.04 16.16
N THR A 247 -9.66 -9.42 16.57
CA THR A 247 -9.27 -9.49 17.98
C THR A 247 -9.11 -8.10 18.56
N ASP A 248 -9.60 -7.90 19.77
CA ASP A 248 -9.51 -6.59 20.42
C ASP A 248 -8.68 -6.71 21.70
N LEU A 249 -8.28 -5.56 22.21
CA LEU A 249 -7.50 -5.50 23.44
C LEU A 249 -8.29 -6.09 24.59
N ARG A 250 -7.58 -6.58 25.60
CA ARG A 250 -8.17 -7.23 26.77
C ARG A 250 -8.90 -8.51 26.38
N GLN A 251 -8.36 -9.22 25.38
CA GLN A 251 -8.79 -10.57 25.04
C GLN A 251 -10.23 -10.60 24.55
N LYS A 252 -10.67 -9.52 23.93
CA LYS A 252 -12.03 -9.42 23.45
C LYS A 252 -12.09 -9.59 21.94
N CYS A 253 -13.31 -9.60 21.44
CA CYS A 253 -13.61 -9.66 20.02
C CYS A 253 -14.34 -8.39 19.66
N THR A 254 -14.00 -7.78 18.52
CA THR A 254 -14.71 -6.60 18.06
C THR A 254 -15.23 -6.84 16.65
N GLU A 255 -16.41 -6.30 16.37
CA GLU A 255 -16.97 -6.32 15.03
C GLU A 255 -16.98 -4.94 14.42
N SER A 256 -16.21 -3.99 14.97
CA SER A 256 -16.29 -2.60 14.55
C SER A 256 -14.90 -2.00 14.35
N HIS A 257 -13.96 -2.78 13.82
CA HIS A 257 -12.69 -2.26 13.35
C HIS A 257 -12.92 -1.58 12.00
N THR A 258 -12.28 -0.42 11.78
CA THR A 258 -12.68 0.51 10.74
C THR A 258 -11.48 1.21 10.10
N GLY A 259 -11.74 1.91 8.98
CA GLY A 259 -10.79 2.83 8.38
C GLY A 259 -9.73 2.16 7.52
N THR A 260 -8.82 3.01 7.04
CA THR A 260 -7.67 2.51 6.28
C THR A 260 -6.89 1.47 7.06
N SER A 261 -6.94 1.52 8.39
CA SER A 261 -6.16 0.61 9.22
C SER A 261 -6.52 -0.84 8.96
N ALA A 262 -7.77 -1.12 8.63
CA ALA A 262 -8.19 -2.50 8.44
C ALA A 262 -7.79 -3.05 7.09
N SER A 263 -7.55 -2.18 6.10
CA SER A 263 -7.33 -2.66 4.75
C SER A 263 -5.94 -3.27 4.56
N ALA A 264 -4.90 -2.63 5.09
CA ALA A 264 -3.54 -3.17 4.93
C ALA A 264 -3.38 -4.56 5.54
N PRO A 265 -3.84 -4.83 6.77
CA PRO A 265 -3.69 -6.19 7.31
C PRO A 265 -4.36 -7.25 6.46
N LEU A 266 -5.51 -6.95 5.87
CA LEU A 266 -6.16 -7.93 5.02
C LEU A 266 -5.32 -8.21 3.78
N ALA A 267 -4.75 -7.15 3.18
CA ALA A 267 -3.82 -7.34 2.08
C ALA A 267 -2.60 -8.15 2.51
N ALA A 268 -2.10 -7.88 3.72
CA ALA A 268 -0.93 -8.62 4.21
C ALA A 268 -1.26 -10.10 4.36
N GLY A 269 -2.45 -10.42 4.86
CA GLY A 269 -2.86 -11.81 4.92
C GLY A 269 -2.96 -12.46 3.56
N ILE A 270 -3.53 -11.75 2.58
CA ILE A 270 -3.65 -12.32 1.24
C ILE A 270 -2.27 -12.55 0.63
N ILE A 271 -1.34 -11.62 0.86
CA ILE A 271 0.02 -11.80 0.39
C ILE A 271 0.69 -12.99 1.09
N ALA A 272 0.37 -13.22 2.37
CA ALA A 272 0.90 -14.39 3.06
C ALA A 272 0.43 -15.68 2.38
N LEU A 273 -0.85 -15.76 2.04
CA LEU A 273 -1.35 -16.91 1.28
C LEU A 273 -0.59 -17.06 -0.02
N THR A 274 -0.33 -15.94 -0.70
CA THR A 274 0.37 -15.98 -1.97
C THR A 274 1.81 -16.47 -1.82
N LEU A 275 2.51 -16.00 -0.78
CA LEU A 275 3.87 -16.50 -0.54
C LEU A 275 3.88 -17.98 -0.23
N GLU A 276 2.85 -18.48 0.47
CA GLU A 276 2.79 -19.92 0.72
C GLU A 276 2.71 -20.68 -0.60
N ALA A 277 1.99 -20.12 -1.57
CA ALA A 277 1.82 -20.81 -2.84
C ALA A 277 3.08 -20.75 -3.69
N ASN A 278 4.00 -19.82 -3.41
CA ASN A 278 5.28 -19.77 -4.11
C ASN A 278 6.22 -18.93 -3.23
N LYS A 279 7.06 -19.61 -2.45
CA LYS A 279 7.98 -18.92 -1.56
C LYS A 279 9.08 -18.18 -2.30
N ASN A 280 9.24 -18.39 -3.61
CA ASN A 280 10.33 -17.79 -4.38
C ASN A 280 9.97 -16.45 -4.99
N LEU A 281 8.78 -15.92 -4.71
CA LEU A 281 8.37 -14.63 -5.24
C LEU A 281 9.23 -13.51 -4.66
N THR A 282 9.72 -12.64 -5.53
CA THR A 282 10.45 -11.45 -5.09
C THR A 282 9.45 -10.35 -4.72
N TRP A 283 9.97 -9.27 -4.13
CA TRP A 283 9.10 -8.16 -3.76
C TRP A 283 8.42 -7.54 -4.98
N ARG A 284 9.13 -7.51 -6.12
CA ARG A 284 8.52 -6.99 -7.34
C ARG A 284 7.55 -7.99 -7.96
N ASP A 285 7.87 -9.30 -7.92
CA ASP A 285 6.91 -10.32 -8.30
C ASP A 285 5.56 -10.07 -7.64
N MET A 286 5.58 -9.79 -6.33
CA MET A 286 4.34 -9.65 -5.58
C MET A 286 3.51 -8.49 -6.11
N GLN A 287 4.16 -7.38 -6.45
CA GLN A 287 3.41 -6.25 -6.99
C GLN A 287 2.86 -6.56 -8.38
N HIS A 288 3.62 -7.31 -9.20
CA HIS A 288 3.09 -7.75 -10.49
C HIS A 288 1.84 -8.61 -10.31
N LEU A 289 1.87 -9.56 -9.39
CA LEU A 289 0.70 -10.40 -9.14
C LEU A 289 -0.51 -9.57 -8.73
N VAL A 290 -0.31 -8.59 -7.83
CA VAL A 290 -1.40 -7.72 -7.40
C VAL A 290 -1.97 -6.95 -8.59
N VAL A 291 -1.09 -6.41 -9.45
CA VAL A 291 -1.57 -5.67 -10.62
C VAL A 291 -2.39 -6.58 -11.54
N GLN A 292 -1.90 -7.80 -11.78
CA GLN A 292 -2.55 -8.64 -12.78
C GLN A 292 -3.88 -9.23 -12.28
N THR A 293 -4.02 -9.45 -10.98
CA THR A 293 -5.18 -10.22 -10.49
C THR A 293 -6.25 -9.38 -9.82
N SER A 294 -5.99 -8.11 -9.53
CA SER A 294 -6.96 -7.32 -8.79
C SER A 294 -8.14 -6.95 -9.68
N LYS A 295 -9.30 -6.78 -9.05
CA LYS A 295 -10.60 -6.80 -9.73
C LYS A 295 -11.31 -5.48 -9.54
N PRO A 296 -11.53 -4.72 -10.61
CA PRO A 296 -12.29 -3.46 -10.46
C PRO A 296 -13.77 -3.68 -10.23
N ALA A 297 -14.32 -4.82 -10.66
CA ALA A 297 -15.75 -4.94 -10.89
C ALA A 297 -16.54 -4.64 -9.63
N HIS A 298 -17.62 -3.87 -9.81
CA HIS A 298 -18.57 -3.51 -8.75
C HIS A 298 -17.98 -2.56 -7.72
N LEU A 299 -16.80 -1.99 -7.97
CA LEU A 299 -16.30 -0.88 -7.17
C LEU A 299 -16.68 0.41 -7.88
N ASN A 300 -17.39 1.28 -7.18
CA ASN A 300 -17.89 2.52 -7.77
C ASN A 300 -16.89 3.65 -7.59
N ALA A 301 -16.58 4.34 -8.69
CA ALA A 301 -15.70 5.50 -8.68
C ALA A 301 -16.00 6.33 -9.92
N ASN A 302 -15.73 7.63 -9.83
CA ASN A 302 -15.98 8.50 -10.98
C ASN A 302 -14.76 8.67 -11.88
N ASP A 303 -13.63 8.00 -11.58
CA ASP A 303 -12.39 8.22 -12.31
C ASP A 303 -11.81 6.93 -12.88
N TRP A 304 -12.58 5.86 -13.01
CA TRP A 304 -12.04 4.66 -13.64
C TRP A 304 -11.54 5.01 -15.03
N ALA A 305 -10.35 4.54 -15.36
CA ALA A 305 -9.77 4.74 -16.68
C ALA A 305 -9.02 3.49 -17.08
N THR A 306 -8.96 3.25 -18.38
CA THR A 306 -8.26 2.10 -18.93
C THR A 306 -6.87 2.55 -19.36
N ASN A 307 -5.83 1.87 -18.86
CA ASN A 307 -4.48 2.33 -19.15
C ASN A 307 -4.01 1.78 -20.50
N GLY A 308 -2.71 1.83 -20.78
CA GLY A 308 -2.27 1.51 -22.12
C GLY A 308 -2.23 0.03 -22.44
N VAL A 309 -2.34 -0.81 -21.43
CA VAL A 309 -2.37 -2.25 -21.64
C VAL A 309 -3.73 -2.83 -21.29
N GLY A 310 -4.77 -1.99 -21.28
CA GLY A 310 -6.13 -2.45 -21.16
C GLY A 310 -6.62 -2.70 -19.75
N ARG A 311 -5.85 -2.33 -18.71
CA ARG A 311 -6.29 -2.54 -17.34
C ARG A 311 -6.98 -1.30 -16.79
N LYS A 312 -8.09 -1.50 -16.09
CA LYS A 312 -8.82 -0.41 -15.47
C LYS A 312 -8.11 0.03 -14.19
N VAL A 313 -8.04 1.33 -13.98
CA VAL A 313 -7.32 1.83 -12.82
C VAL A 313 -8.03 3.09 -12.31
N SER A 314 -8.07 3.24 -10.98
CA SER A 314 -8.70 4.37 -10.32
C SER A 314 -7.74 4.94 -9.28
N HIS A 315 -7.82 6.24 -9.04
CA HIS A 315 -7.00 6.82 -7.98
C HIS A 315 -7.54 6.49 -6.60
N SER A 316 -8.80 6.07 -6.52
CA SER A 316 -9.36 5.63 -5.24
C SER A 316 -9.00 4.18 -4.93
N TYR A 317 -8.76 3.35 -5.95
CA TYR A 317 -8.68 1.92 -5.74
C TYR A 317 -7.46 1.24 -6.36
N GLY A 318 -6.60 1.96 -7.07
CA GLY A 318 -5.53 1.27 -7.77
C GLY A 318 -6.15 0.37 -8.83
N TYR A 319 -5.68 -0.88 -8.90
CA TYR A 319 -6.20 -1.84 -9.86
C TYR A 319 -7.44 -2.56 -9.36
N GLY A 320 -7.93 -2.22 -8.18
CA GLY A 320 -9.18 -2.75 -7.70
C GLY A 320 -9.01 -3.64 -6.49
N LEU A 321 -10.03 -4.46 -6.25
CA LEU A 321 -10.08 -5.33 -5.08
C LEU A 321 -9.09 -6.48 -5.21
N LEU A 322 -8.35 -6.76 -4.13
CA LEU A 322 -7.55 -7.98 -4.14
C LEU A 322 -8.44 -9.21 -4.29
N ASP A 323 -7.89 -10.23 -4.94
CA ASP A 323 -8.57 -11.49 -5.21
C ASP A 323 -7.62 -12.60 -4.77
N ALA A 324 -7.84 -13.14 -3.57
CA ALA A 324 -6.88 -14.07 -3.00
C ALA A 324 -6.82 -15.35 -3.81
N GLY A 325 -7.96 -15.88 -4.23
CA GLY A 325 -7.96 -17.07 -5.06
C GLY A 325 -7.14 -16.88 -6.32
N ALA A 326 -7.32 -15.74 -6.99
CA ALA A 326 -6.57 -15.51 -8.23
C ALA A 326 -5.10 -15.28 -7.95
N MET A 327 -4.77 -14.63 -6.84
CA MET A 327 -3.37 -14.45 -6.45
C MET A 327 -2.65 -15.78 -6.30
N VAL A 328 -3.21 -16.69 -5.49
CA VAL A 328 -2.49 -17.94 -5.23
C VAL A 328 -2.48 -18.82 -6.47
N ALA A 329 -3.50 -18.73 -7.32
CA ALA A 329 -3.47 -19.52 -8.55
C ALA A 329 -2.35 -19.03 -9.48
N LEU A 330 -2.27 -17.71 -9.68
CA LEU A 330 -1.24 -17.15 -10.55
C LEU A 330 0.15 -17.32 -9.97
N ALA A 331 0.28 -17.33 -8.65
CA ALA A 331 1.61 -17.41 -8.04
C ALA A 331 2.32 -18.74 -8.32
N GLN A 332 1.55 -19.83 -8.49
CA GLN A 332 2.15 -21.16 -8.41
C GLN A 332 3.16 -21.40 -9.52
N ASN A 333 2.83 -21.03 -10.76
CA ASN A 333 3.76 -21.24 -11.87
C ASN A 333 4.37 -19.93 -12.35
N TRP A 334 4.42 -18.93 -11.47
CA TRP A 334 4.97 -17.62 -11.81
C TRP A 334 6.44 -17.70 -12.18
N THR A 335 6.80 -17.05 -13.28
CA THR A 335 8.18 -16.89 -13.69
C THR A 335 8.72 -15.59 -13.10
N THR A 336 9.81 -15.68 -12.32
CA THR A 336 10.42 -14.50 -11.70
C THR A 336 10.66 -13.41 -12.74
N VAL A 337 10.28 -12.17 -12.40
CA VAL A 337 10.53 -11.06 -13.31
C VAL A 337 12.03 -10.80 -13.43
N ALA A 338 12.39 -10.13 -14.51
CA ALA A 338 13.79 -9.79 -14.77
C ALA A 338 14.28 -8.76 -13.75
N PRO A 339 15.60 -8.61 -13.60
CA PRO A 339 16.11 -7.61 -12.65
C PRO A 339 15.57 -6.23 -12.98
N GLN A 340 15.38 -5.43 -11.94
CA GLN A 340 14.80 -4.12 -12.10
C GLN A 340 15.80 -3.16 -12.76
N ARG A 341 15.36 -2.50 -13.82
CA ARG A 341 16.13 -1.44 -14.45
C ARG A 341 15.59 -0.08 -14.01
N LYS A 342 16.47 0.92 -14.03
CA LYS A 342 16.14 2.28 -13.61
C LYS A 342 16.67 3.26 -14.66
N CYS A 343 15.78 4.02 -15.26
CA CYS A 343 16.15 4.98 -16.31
C CYS A 343 15.84 6.37 -15.80
N ILE A 344 16.86 7.22 -15.71
CA ILE A 344 16.78 8.54 -15.10
C ILE A 344 16.79 9.58 -16.24
N ILE A 345 15.73 10.36 -16.35
CA ILE A 345 15.61 11.31 -17.46
C ILE A 345 15.40 12.70 -16.87
N ASP A 346 16.41 13.55 -17.01
CA ASP A 346 16.33 14.93 -16.53
C ASP A 346 15.61 15.75 -17.61
N ILE A 347 14.41 16.25 -17.29
CA ILE A 347 13.52 16.78 -18.33
C ILE A 347 13.85 18.21 -18.67
N LEU A 348 14.08 19.07 -17.68
CA LEU A 348 14.16 20.51 -17.92
C LEU A 348 15.54 20.95 -18.40
N THR A 349 15.57 21.90 -19.34
CA THR A 349 16.81 22.60 -19.67
C THR A 349 16.89 24.00 -19.06
N GLU A 350 15.76 24.53 -18.57
CA GLU A 350 15.73 25.81 -17.88
C GLU A 350 14.52 25.79 -16.97
N PRO A 351 14.52 26.60 -15.90
CA PRO A 351 13.34 26.68 -15.03
C PRO A 351 12.15 27.25 -15.79
N LYS A 352 10.96 26.94 -15.28
CA LYS A 352 9.70 27.34 -15.91
C LYS A 352 8.78 27.98 -14.88
N ASP A 353 8.32 29.19 -15.16
CA ASP A 353 7.32 29.81 -14.31
C ASP A 353 6.01 29.02 -14.41
N ILE A 354 5.38 28.76 -13.27
N ILE A 354 5.41 28.75 -13.26
CA ILE A 354 4.15 27.99 -13.27
CA ILE A 354 4.15 28.00 -13.24
C ILE A 354 2.97 28.85 -13.71
C ILE A 354 3.00 28.87 -13.74
N GLY A 355 2.83 30.03 -13.13
CA GLY A 355 1.73 30.90 -13.50
C GLY A 355 0.39 30.23 -13.25
N LYS A 356 -0.55 30.49 -14.15
CA LYS A 356 -1.87 29.88 -14.03
C LYS A 356 -1.83 28.41 -14.42
N ARG A 357 -0.94 28.04 -15.35
CA ARG A 357 -0.89 26.69 -15.88
C ARG A 357 0.45 26.52 -16.58
N LEU A 358 1.08 25.36 -16.38
CA LEU A 358 2.31 25.01 -17.06
C LEU A 358 2.17 23.61 -17.62
N GLU A 359 2.55 23.44 -18.88
CA GLU A 359 2.58 22.13 -19.52
C GLU A 359 3.99 21.87 -20.03
N VAL A 360 4.59 20.75 -19.61
CA VAL A 360 5.94 20.38 -20.05
C VAL A 360 5.83 19.07 -20.82
N ARG A 361 6.19 19.11 -22.09
CA ARG A 361 6.17 17.94 -22.95
C ARG A 361 7.60 17.49 -23.19
N LYS A 362 7.84 16.18 -23.13
CA LYS A 362 9.16 15.68 -23.44
C LYS A 362 9.04 14.30 -24.07
N THR A 363 9.64 14.12 -25.24
CA THR A 363 9.71 12.82 -25.89
C THR A 363 10.95 12.09 -25.41
N VAL A 364 10.78 10.88 -24.88
CA VAL A 364 11.90 10.15 -24.30
C VAL A 364 12.12 8.85 -25.05
N THR A 365 13.36 8.35 -24.96
CA THR A 365 13.71 7.04 -25.49
C THR A 365 13.82 5.97 -24.42
N ALA A 366 13.72 6.35 -23.14
CA ALA A 366 13.77 5.40 -22.01
C ALA A 366 15.03 4.53 -22.08
N CYS A 367 16.17 5.19 -22.24
CA CYS A 367 17.49 4.59 -22.19
C CYS A 367 17.72 3.57 -23.32
N LEU A 368 17.13 3.83 -24.48
CA LEU A 368 17.39 3.03 -25.69
C LEU A 368 18.89 2.78 -25.88
N GLY A 369 19.23 1.53 -26.19
CA GLY A 369 20.59 1.15 -26.47
C GLY A 369 21.46 0.90 -25.26
N GLU A 370 20.91 1.04 -24.06
CA GLU A 370 21.64 0.93 -22.82
C GLU A 370 21.11 -0.24 -21.99
N PRO A 371 21.91 -0.76 -21.06
CA PRO A 371 21.42 -1.87 -20.22
C PRO A 371 20.22 -1.51 -19.36
N ASN A 372 19.89 -0.23 -19.18
CA ASN A 372 18.70 0.12 -18.42
C ASN A 372 17.52 0.51 -19.32
N HIS A 373 17.58 0.17 -20.61
CA HIS A 373 16.45 0.33 -21.51
C HIS A 373 15.20 -0.33 -20.93
N ILE A 374 14.11 0.43 -20.86
CA ILE A 374 12.85 -0.05 -20.32
C ILE A 374 11.80 -0.03 -21.41
N THR A 375 11.27 -1.22 -21.74
CA THR A 375 10.09 -1.31 -22.59
C THR A 375 8.85 -1.72 -21.80
N ARG A 376 9.00 -2.14 -20.53
CA ARG A 376 7.90 -2.59 -19.66
C ARG A 376 7.99 -1.81 -18.36
N LEU A 377 7.16 -0.79 -18.23
CA LEU A 377 7.20 0.05 -17.06
C LEU A 377 6.68 -0.69 -15.83
N GLU A 378 7.28 -0.41 -14.67
CA GLU A 378 6.69 -0.77 -13.39
C GLU A 378 6.25 0.55 -12.75
N HIS A 379 6.95 1.04 -11.74
CA HIS A 379 6.67 2.36 -11.19
C HIS A 379 7.29 3.45 -12.07
N ALA A 380 6.63 4.61 -12.09
CA ALA A 380 7.21 5.81 -12.67
C ALA A 380 7.11 6.92 -11.62
N GLN A 381 8.17 7.72 -11.54
CA GLN A 381 8.20 8.86 -10.63
C GLN A 381 8.45 10.12 -11.43
N ALA A 382 7.77 11.19 -11.04
CA ALA A 382 8.09 12.55 -11.46
C ALA A 382 8.65 13.23 -10.21
N ARG A 383 9.96 13.36 -10.15
CA ARG A 383 10.60 14.00 -9.00
C ARG A 383 10.65 15.49 -9.28
N LEU A 384 9.86 16.26 -8.55
CA LEU A 384 9.65 17.67 -8.86
C LEU A 384 10.27 18.55 -7.80
N THR A 385 10.94 19.60 -8.25
CA THR A 385 11.37 20.68 -7.35
C THR A 385 10.74 21.96 -7.86
N LEU A 386 9.95 22.60 -7.00
CA LEU A 386 9.22 23.79 -7.41
C LEU A 386 8.97 24.66 -6.20
N SER A 387 8.85 25.95 -6.45
CA SER A 387 8.40 26.91 -5.46
C SER A 387 7.00 27.36 -5.84
N TYR A 388 6.21 27.70 -4.82
CA TYR A 388 4.85 28.18 -5.07
C TYR A 388 4.37 28.88 -3.81
N ASN A 389 3.47 29.85 -3.97
CA ASN A 389 3.07 30.60 -2.78
C ASN A 389 2.01 29.89 -1.94
N ARG A 390 1.16 29.03 -2.53
CA ARG A 390 0.17 28.28 -1.75
C ARG A 390 0.05 26.87 -2.32
N ARG A 391 0.72 25.91 -1.67
CA ARG A 391 0.96 24.60 -2.28
C ARG A 391 -0.34 23.88 -2.62
N GLY A 392 -1.34 23.98 -1.74
CA GLY A 392 -2.58 23.25 -1.91
C GLY A 392 -3.45 23.70 -3.07
N ASP A 393 -3.13 24.83 -3.70
CA ASP A 393 -3.86 25.21 -4.89
C ASP A 393 -3.36 24.49 -6.13
N LEU A 394 -2.24 23.79 -6.05
CA LEU A 394 -1.68 23.10 -7.21
C LEU A 394 -2.39 21.79 -7.47
N ALA A 395 -2.63 21.50 -8.75
CA ALA A 395 -2.94 20.17 -9.22
C ALA A 395 -1.91 19.77 -10.26
N ILE A 396 -1.40 18.55 -10.18
CA ILE A 396 -0.32 18.09 -11.04
C ILE A 396 -0.76 16.78 -11.68
N HIS A 397 -0.65 16.70 -13.01
CA HIS A 397 -0.97 15.49 -13.76
C HIS A 397 0.22 15.10 -14.61
N LEU A 398 0.35 13.80 -14.84
CA LEU A 398 1.40 13.22 -15.67
C LEU A 398 0.74 12.27 -16.66
N VAL A 399 0.96 12.49 -17.95
CA VAL A 399 0.36 11.68 -19.00
C VAL A 399 1.45 10.85 -19.66
N SER A 400 1.24 9.54 -19.73
CA SER A 400 2.22 8.65 -20.33
C SER A 400 2.08 8.66 -21.86
N PRO A 401 3.09 8.15 -22.57
CA PRO A 401 2.95 8.02 -24.03
C PRO A 401 1.78 7.15 -24.46
N MET A 402 1.34 6.19 -23.63
CA MET A 402 0.16 5.42 -23.97
C MET A 402 -1.13 6.16 -23.64
N GLY A 403 -1.03 7.43 -23.25
CA GLY A 403 -2.19 8.25 -22.97
C GLY A 403 -2.80 8.10 -21.60
N THR A 404 -2.11 7.48 -20.66
CA THR A 404 -2.66 7.27 -19.32
C THR A 404 -2.37 8.49 -18.45
N ARG A 405 -3.42 9.17 -18.01
CA ARG A 405 -3.29 10.42 -17.27
C ARG A 405 -3.32 10.10 -15.78
N SER A 406 -2.18 10.26 -15.12
CA SER A 406 -2.08 10.03 -13.67
C SER A 406 -2.22 11.37 -12.96
N THR A 407 -3.11 11.43 -11.96
CA THR A 407 -3.14 12.59 -11.07
C THR A 407 -2.03 12.42 -10.04
N LEU A 408 -0.94 13.16 -10.19
CA LEU A 408 0.11 13.10 -9.19
C LEU A 408 -0.27 13.86 -7.92
N LEU A 409 -1.02 14.95 -8.07
CA LEU A 409 -1.39 15.78 -6.93
C LEU A 409 -2.72 16.43 -7.26
N ALA A 410 -3.73 16.22 -6.42
CA ALA A 410 -4.97 16.97 -6.52
C ALA A 410 -4.93 18.15 -5.55
N ALA A 411 -5.82 19.12 -5.78
CA ALA A 411 -5.92 20.27 -4.87
C ALA A 411 -6.08 19.79 -3.44
N ARG A 412 -5.35 20.44 -2.52
CA ARG A 412 -5.50 20.19 -1.09
C ARG A 412 -5.91 21.50 -0.41
N PRO A 413 -7.21 21.69 -0.15
CA PRO A 413 -7.69 22.98 0.36
C PRO A 413 -7.00 23.45 1.63
N HIS A 414 -6.58 22.53 2.49
CA HIS A 414 -5.95 22.89 3.74
C HIS A 414 -4.44 23.13 3.64
N ASP A 415 -3.82 22.85 2.49
CA ASP A 415 -2.36 22.98 2.40
C ASP A 415 -2.04 24.42 2.01
N TYR A 416 -1.79 25.26 3.01
CA TYR A 416 -1.45 26.66 2.79
C TYR A 416 0.06 26.88 2.63
N SER A 417 0.87 25.83 2.67
CA SER A 417 2.32 25.96 2.74
C SER A 417 2.90 26.78 1.59
N ALA A 418 3.89 27.59 1.92
CA ALA A 418 4.71 28.27 0.93
C ALA A 418 6.03 27.54 0.68
N ASP A 419 6.18 26.33 1.20
CA ASP A 419 7.43 25.59 1.08
C ASP A 419 7.61 24.88 -0.26
N GLY A 420 6.58 24.81 -1.09
CA GLY A 420 6.81 24.11 -2.37
C GLY A 420 7.15 22.64 -2.16
N PHE A 421 7.79 22.06 -3.18
CA PHE A 421 8.23 20.68 -3.16
C PHE A 421 9.73 20.62 -3.44
N ASN A 422 10.44 19.83 -2.65
CA ASN A 422 11.89 19.76 -2.75
C ASN A 422 12.26 18.35 -3.22
N ASP A 423 12.37 18.18 -4.54
CA ASP A 423 12.68 16.89 -5.16
C ASP A 423 11.74 15.80 -4.64
N TRP A 424 10.44 16.10 -4.63
CA TRP A 424 9.46 15.14 -4.14
C TRP A 424 9.12 14.16 -5.25
N ALA A 425 9.19 12.85 -4.94
CA ALA A 425 9.08 11.82 -5.97
C ALA A 425 7.63 11.33 -6.09
N PHE A 426 6.78 12.15 -6.72
CA PHE A 426 5.41 11.72 -7.01
C PHE A 426 5.43 10.44 -7.82
N MET A 427 4.69 9.43 -7.38
CA MET A 427 4.77 8.11 -8.00
C MET A 427 3.43 7.69 -8.56
N THR A 428 3.45 7.02 -9.71
CA THR A 428 2.22 6.46 -10.25
C THR A 428 2.44 4.99 -10.60
N THR A 429 1.43 4.18 -10.26
CA THR A 429 1.36 2.78 -10.66
C THR A 429 0.49 2.56 -11.88
N HIS A 430 -0.14 3.62 -12.38
CA HIS A 430 -1.19 3.50 -13.39
C HIS A 430 -0.68 3.18 -14.79
N SER A 431 0.63 3.26 -15.03
CA SER A 431 1.19 2.94 -16.33
C SER A 431 1.99 1.64 -16.30
N TRP A 432 1.81 0.85 -15.23
CA TRP A 432 2.41 -0.47 -15.11
C TRP A 432 2.21 -1.28 -16.39
N ASP A 433 3.32 -1.84 -16.89
CA ASP A 433 3.43 -2.71 -18.07
C ASP A 433 3.37 -1.94 -19.38
N GLU A 434 3.19 -0.62 -19.38
CA GLU A 434 3.21 0.16 -20.61
C GLU A 434 4.65 0.37 -21.10
N ASP A 435 4.79 0.54 -22.40
CA ASP A 435 6.05 0.97 -22.99
C ASP A 435 6.23 2.46 -22.70
N PRO A 436 7.29 2.88 -22.01
CA PRO A 436 7.44 4.31 -21.68
C PRO A 436 8.13 5.16 -22.73
N SER A 437 8.48 4.60 -23.89
CA SER A 437 9.08 5.39 -24.95
C SER A 437 8.04 6.37 -25.52
N GLY A 438 8.47 7.58 -25.83
CA GLY A 438 7.54 8.52 -26.43
C GLY A 438 7.27 9.77 -25.62
N GLU A 439 6.16 10.45 -25.87
CA GLU A 439 5.91 11.76 -25.30
C GLU A 439 5.27 11.62 -23.92
N TRP A 440 5.96 12.11 -22.90
CA TRP A 440 5.38 12.31 -21.59
C TRP A 440 4.97 13.78 -21.46
N VAL A 441 3.88 14.02 -20.72
CA VAL A 441 3.37 15.37 -20.52
C VAL A 441 3.17 15.59 -19.02
N LEU A 442 3.78 16.64 -18.48
CA LEU A 442 3.53 17.07 -17.11
C LEU A 442 2.70 18.34 -17.15
N GLU A 443 1.62 18.37 -16.37
CA GLU A 443 0.72 19.51 -16.29
C GLU A 443 0.67 19.97 -14.85
N ILE A 444 0.97 21.24 -14.62
CA ILE A 444 0.85 21.87 -13.31
C ILE A 444 -0.12 23.03 -13.45
N GLU A 445 -1.16 23.05 -12.62
CA GLU A 445 -2.16 24.09 -12.76
C GLU A 445 -2.59 24.63 -11.41
N ASN A 446 -2.91 25.92 -11.42
CA ASN A 446 -3.48 26.61 -10.27
C ASN A 446 -4.99 26.40 -10.31
N THR A 447 -5.51 25.66 -9.34
CA THR A 447 -6.94 25.36 -9.30
C THR A 447 -7.76 26.44 -8.61
N SER A 448 -7.14 27.50 -8.10
CA SER A 448 -7.88 28.57 -7.45
C SER A 448 -7.93 29.79 -8.36
N GLU A 449 -8.77 30.75 -7.98
CA GLU A 449 -8.83 32.02 -8.70
C GLU A 449 -7.78 33.01 -8.23
N ALA A 450 -6.96 32.66 -7.25
CA ALA A 450 -5.97 33.57 -6.73
C ALA A 450 -4.81 33.76 -7.72
N ASN A 451 -4.14 34.90 -7.59
CA ASN A 451 -2.98 35.19 -8.43
C ASN A 451 -1.77 34.57 -7.73
N ASN A 452 -1.58 33.28 -7.99
CA ASN A 452 -0.48 32.54 -7.40
C ASN A 452 0.75 32.63 -8.32
N TYR A 453 1.89 32.24 -7.78
CA TYR A 453 3.14 32.38 -8.53
C TYR A 453 4.16 31.37 -8.01
N GLY A 454 5.01 30.91 -8.92
CA GLY A 454 6.08 29.99 -8.55
C GLY A 454 6.83 29.53 -9.78
N THR A 455 7.80 28.66 -9.54
CA THR A 455 8.73 28.24 -10.58
C THR A 455 9.05 26.76 -10.41
N LEU A 456 8.96 26.01 -11.50
CA LEU A 456 9.42 24.63 -11.54
C LEU A 456 10.89 24.64 -11.95
N THR A 457 11.77 24.18 -11.05
CA THR A 457 13.20 24.21 -11.34
C THR A 457 13.80 22.84 -11.64
N LYS A 458 13.12 21.75 -11.32
CA LYS A 458 13.64 20.44 -11.69
C LYS A 458 12.49 19.46 -11.87
N PHE A 459 12.59 18.67 -12.93
CA PHE A 459 11.64 17.59 -13.23
C PHE A 459 12.49 16.42 -13.71
N THR A 460 12.73 15.46 -12.81
CA THR A 460 13.40 14.22 -13.17
C THR A 460 12.33 13.15 -13.35
N LEU A 461 12.22 12.60 -14.55
CA LEU A 461 11.37 11.45 -14.78
C LEU A 461 12.19 10.20 -14.50
N VAL A 462 11.78 9.43 -13.51
CA VAL A 462 12.48 8.20 -13.15
C VAL A 462 11.57 7.03 -13.48
N LEU A 463 12.04 6.19 -14.40
CA LEU A 463 11.29 5.01 -14.82
C LEU A 463 11.97 3.77 -14.26
N TYR A 464 11.14 2.85 -13.73
CA TYR A 464 11.56 1.53 -13.30
C TYR A 464 10.87 0.50 -14.17
N GLY A 465 11.55 -0.61 -14.43
CA GLY A 465 10.90 -1.70 -15.15
C GLY A 465 11.92 -2.63 -15.80
N THR A 466 11.46 -3.29 -16.87
CA THR A 466 12.23 -4.33 -17.54
C THR A 466 12.08 -4.14 -19.05
N ALA A 467 12.66 -5.07 -19.81
CA ALA A 467 12.54 -5.03 -21.26
C ALA A 467 12.14 -6.39 -21.83
N SER A 468 11.35 -7.16 -21.09
CA SER A 468 11.01 -8.50 -21.57
C SER A 468 9.79 -9.01 -20.84
N GLY A 469 9.06 -9.91 -21.50
CA GLY A 469 8.07 -10.72 -20.82
C GLY A 469 6.65 -10.22 -20.86
N SER A 470 6.30 -9.33 -21.79
CA SER A 470 4.98 -8.74 -21.78
C SER A 470 3.88 -9.75 -22.08
N LEU A 471 2.70 -9.48 -21.53
CA LEU A 471 1.48 -10.19 -21.85
C LEU A 471 0.73 -9.43 -22.93
N VAL A 472 -0.07 -10.16 -23.70
CA VAL A 472 -1.00 -9.49 -24.61
C VAL A 472 -1.90 -8.58 -23.77
N PRO A 473 -2.10 -7.32 -24.17
CA PRO A 473 -2.93 -6.42 -23.36
C PRO A 473 -4.32 -6.98 -23.13
N ARG A 474 -4.86 -6.69 -21.94
CA ARG A 474 -6.16 -7.18 -21.48
C ARG A 474 -7.32 -6.81 -22.42
N ARG B 2 3.73 10.56 13.81
CA ARG B 2 3.11 9.42 13.10
C ARG B 2 1.80 9.06 13.81
N ARG B 4 -1.89 6.55 14.10
CA ARG B 4 -2.52 5.25 13.82
C ARG B 4 -3.53 5.55 12.70
#